data_7I1T
#
_entry.id   7I1T
#
_cell.length_a   42.600
_cell.length_b   42.600
_cell.length_c   217.460
_cell.angle_alpha   90.00
_cell.angle_beta   90.00
_cell.angle_gamma   90.00
#
_symmetry.space_group_name_H-M   'P 43 2 2'
#
loop_
_entity.id
_entity.type
_entity.pdbx_description
1 polymer 'Serine protease subunit NS2B'
2 polymer 'Serine protease NS3'
3 non-polymer 'DIMETHYL SULFOXIDE'
4 non-polymer N-[4-(hydroxymethyl)-2-methylquinolin-8-yl]piperidine-4-carboxamide
5 water water
#
loop_
_entity_poly.entity_id
_entity_poly.type
_entity_poly.pdbx_seq_one_letter_code
_entity_poly.pdbx_strand_id
1 'polypeptide(L)' SMGKSVDMYIERAGDITWEKDAEVTGNSPRLDVALDESGDFSLVEE A
2 'polypeptide(L)'
;MKEVKKGETTDGVYRVMTRRLLGSTQVGVGVMQEGVFHTMWHVTKGAALRSGEGRLDPYWGDVKQDLVSYCGPWKLDAAW
DGLSEVQLLAVPPGERAKNIQTLPGIFKTKDGDIGAVALDYPAGTSGSPILDKCGRVIGLYGNGVVIKNGSYVSAITQGK
REEETPVE
;
B
#
loop_
_chem_comp.id
_chem_comp.type
_chem_comp.name
_chem_comp.formula
A1BXM non-polymer N-[4-(hydroxymethyl)-2-methylquinolin-8-yl]piperidine-4-carboxamide 'C17 H21 N3 O2'
DMS non-polymer 'DIMETHYL SULFOXIDE' 'C2 H6 O S'
#
# COMPACT_ATOMS: atom_id res chain seq x y z
N ASP A 7 2.79 20.78 -2.37
CA ASP A 7 1.42 20.36 -2.83
C ASP A 7 1.51 19.08 -3.67
N MET A 8 0.74 18.06 -3.29
CA MET A 8 0.88 16.66 -3.79
C MET A 8 -0.13 16.38 -4.87
N TYR A 9 0.24 15.59 -5.87
CA TYR A 9 -0.65 15.30 -7.03
C TYR A 9 -0.54 13.82 -7.38
N ILE A 10 -1.56 13.28 -8.04
CA ILE A 10 -1.60 11.82 -8.38
C ILE A 10 -1.62 11.58 -9.90
N GLU A 11 -0.93 10.54 -10.34
CA GLU A 11 -0.78 10.10 -11.76
C GLU A 11 -1.13 8.63 -11.87
N ARG A 12 -2.03 8.26 -12.77
CA ARG A 12 -2.38 6.83 -12.95
C ARG A 12 -1.11 6.03 -13.27
N ALA A 13 -0.98 4.81 -12.76
CA ALA A 13 0.21 3.95 -12.98
C ALA A 13 -0.15 2.55 -13.55
N GLY A 14 -1.41 2.13 -13.49
CA GLY A 14 -1.77 0.79 -13.99
C GLY A 14 -3.16 0.39 -13.53
N ASP A 15 -3.69 -0.67 -14.12
CA ASP A 15 -4.91 -1.38 -13.64
C ASP A 15 -4.47 -2.25 -12.47
N ILE A 16 -5.44 -2.71 -11.66
CA ILE A 16 -5.19 -3.64 -10.51
C ILE A 16 -5.72 -5.00 -10.96
N THR A 17 -4.78 -5.87 -11.37
N THR A 17 -4.80 -5.89 -11.36
N THR A 17 -4.78 -5.87 -11.37
N THR A 17 -4.80 -5.89 -11.36
CA THR A 17 -5.03 -7.19 -12.00
CA THR A 17 -5.13 -7.20 -11.98
CA THR A 17 -5.03 -7.19 -12.00
CA THR A 17 -5.13 -7.20 -11.98
C THR A 17 -4.06 -8.24 -11.45
C THR A 17 -4.09 -8.24 -11.54
C THR A 17 -4.06 -8.24 -11.45
C THR A 17 -4.09 -8.24 -11.54
N TRP A 18 -4.55 -9.45 -11.23
CA TRP A 18 -3.70 -10.63 -10.97
C TRP A 18 -3.11 -11.00 -12.32
N GLU A 19 -1.80 -11.23 -12.36
N GLU A 19 -1.80 -11.23 -12.36
N GLU A 19 -1.88 -11.50 -12.29
N GLU A 19 -1.88 -11.50 -12.29
CA GLU A 19 -1.01 -11.54 -13.57
CA GLU A 19 -1.01 -11.54 -13.57
CA GLU A 19 -0.94 -11.55 -13.43
CA GLU A 19 -0.94 -11.55 -13.43
C GLU A 19 -0.39 -12.93 -13.44
C GLU A 19 -0.39 -12.93 -13.44
C GLU A 19 -0.29 -12.94 -13.45
C GLU A 19 -0.29 -12.94 -13.45
N LYS A 20 -0.67 -13.82 -14.38
CA LYS A 20 -0.10 -15.20 -14.42
C LYS A 20 1.39 -15.12 -14.74
N ASP A 21 2.18 -15.97 -14.10
CA ASP A 21 3.64 -16.07 -14.33
C ASP A 21 4.31 -14.74 -14.01
N ALA A 22 3.86 -14.04 -12.97
CA ALA A 22 4.64 -12.99 -12.31
C ALA A 22 5.85 -13.66 -11.65
N GLU A 23 6.99 -12.99 -11.63
CA GLU A 23 8.19 -13.38 -10.86
C GLU A 23 7.75 -13.72 -9.42
N VAL A 24 7.92 -14.98 -9.01
CA VAL A 24 7.60 -15.50 -7.65
C VAL A 24 8.84 -15.33 -6.77
N THR A 25 8.72 -14.77 -5.57
CA THR A 25 9.90 -14.51 -4.69
C THR A 25 9.50 -14.09 -3.27
N GLY A 26 10.51 -13.71 -2.48
CA GLY A 26 10.42 -13.53 -1.02
C GLY A 26 10.05 -14.79 -0.26
N ASN A 27 10.30 -14.75 1.05
CA ASN A 27 10.02 -15.82 2.03
C ASN A 27 8.79 -15.44 2.89
N SER A 28 8.60 -16.10 4.04
CA SER A 28 7.36 -16.09 4.85
C SER A 28 7.68 -16.06 6.34
N PRO A 29 8.39 -15.02 6.84
CA PRO A 29 8.85 -15.00 8.22
C PRO A 29 7.74 -14.74 9.24
N ARG A 30 7.66 -15.54 10.32
CA ARG A 30 6.70 -15.37 11.46
C ARG A 30 7.39 -14.54 12.52
N LEU A 31 6.93 -13.33 12.80
CA LEU A 31 7.64 -12.36 13.68
C LEU A 31 6.71 -11.91 14.80
N ASP A 32 7.27 -11.80 16.00
CA ASP A 32 6.64 -11.19 17.20
C ASP A 32 6.89 -9.69 17.14
N VAL A 33 5.83 -8.90 17.04
CA VAL A 33 5.93 -7.43 16.85
C VAL A 33 4.99 -6.76 17.85
N ALA A 34 5.33 -5.52 18.21
CA ALA A 34 4.42 -4.62 18.96
C ALA A 34 4.13 -3.40 18.08
N LEU A 35 2.93 -2.86 18.25
CA LEU A 35 2.46 -1.66 17.55
C LEU A 35 2.19 -0.55 18.59
N ASP A 36 3.00 0.52 18.57
CA ASP A 36 2.81 1.72 19.40
C ASP A 36 1.73 2.62 18.79
N GLU A 37 1.41 3.69 19.54
CA GLU A 37 0.27 4.61 19.30
C GLU A 37 0.61 5.49 18.10
N SER A 38 1.89 5.63 17.75
CA SER A 38 2.34 6.33 16.52
C SER A 38 2.27 5.46 15.24
N GLY A 39 1.73 4.24 15.30
CA GLY A 39 1.64 3.34 14.13
C GLY A 39 3.02 2.79 13.74
N ASP A 40 3.98 2.75 14.68
CA ASP A 40 5.32 2.12 14.48
C ASP A 40 5.31 0.69 15.06
N PHE A 41 5.49 -0.29 14.17
CA PHE A 41 5.81 -1.70 14.49
C PHE A 41 7.20 -1.80 15.11
N SER A 42 7.40 -2.72 16.07
CA SER A 42 8.74 -3.06 16.62
C SER A 42 8.85 -4.57 16.88
N LEU A 43 10.08 -5.09 16.83
CA LEU A 43 10.39 -6.52 17.10
C LEU A 43 10.46 -6.76 18.61
N VAL A 44 9.47 -7.47 19.17
CA VAL A 44 9.55 -8.08 20.54
C VAL A 44 10.49 -9.27 20.39
N GLU A 45 11.26 -9.59 21.44
CA GLU A 45 12.41 -10.54 21.35
C GLU A 45 12.45 -11.39 22.62
N GLY B 7 -11.11 15.85 -11.73
CA GLY B 7 -9.88 15.03 -11.97
C GLY B 7 -10.17 13.62 -12.51
N GLU B 8 -9.12 12.83 -12.75
CA GLU B 8 -9.19 11.40 -13.17
C GLU B 8 -9.66 10.56 -11.97
N THR B 9 -10.81 9.90 -12.08
N THR B 9 -10.80 9.89 -12.16
N THR B 9 -10.81 9.90 -12.08
N THR B 9 -10.80 9.89 -12.16
CA THR B 9 -11.34 9.03 -10.99
CA THR B 9 -11.54 9.10 -11.14
CA THR B 9 -11.34 9.03 -10.99
CA THR B 9 -11.54 9.10 -11.14
C THR B 9 -11.49 7.58 -11.46
C THR B 9 -11.44 7.59 -11.43
C THR B 9 -11.49 7.58 -11.46
C THR B 9 -11.44 7.59 -11.43
N THR B 10 -10.78 7.19 -12.52
CA THR B 10 -10.79 5.79 -13.02
C THR B 10 -10.19 4.91 -11.91
N ASP B 11 -10.86 3.80 -11.62
CA ASP B 11 -10.34 2.71 -10.75
C ASP B 11 -8.89 2.39 -11.16
N GLY B 12 -8.05 2.07 -10.18
CA GLY B 12 -6.71 1.54 -10.42
C GLY B 12 -5.68 2.11 -9.47
N VAL B 13 -4.43 1.94 -9.81
CA VAL B 13 -3.31 2.36 -8.93
C VAL B 13 -2.67 3.64 -9.46
N TYR B 14 -2.23 4.51 -8.56
CA TYR B 14 -1.72 5.86 -8.85
C TYR B 14 -0.48 6.15 -8.03
N ARG B 15 0.43 6.92 -8.62
CA ARG B 15 1.62 7.49 -7.92
C ARG B 15 1.22 8.75 -7.18
N VAL B 16 1.82 8.96 -6.03
CA VAL B 16 1.67 10.19 -5.23
C VAL B 16 2.98 10.96 -5.33
N MET B 17 2.91 12.12 -6.01
CA MET B 17 4.06 12.98 -6.36
C MET B 17 3.99 14.29 -5.56
N THR B 18 5.14 14.90 -5.30
CA THR B 18 5.26 16.30 -4.82
C THR B 18 6.29 17.02 -5.68
N ARG B 19 6.12 18.33 -5.89
CA ARG B 19 7.13 19.20 -6.55
C ARG B 19 7.77 20.15 -5.55
N ARG B 20 7.32 20.13 -4.29
CA ARG B 20 7.84 21.04 -3.23
C ARG B 20 9.35 20.81 -3.10
N LEU B 21 9.84 19.64 -3.48
CA LEU B 21 11.29 19.27 -3.36
C LEU B 21 12.02 19.49 -4.68
N LEU B 22 13.27 19.02 -4.77
CA LEU B 22 14.05 19.02 -6.03
C LEU B 22 13.34 18.13 -7.05
N GLY B 23 13.32 18.54 -8.33
CA GLY B 23 12.52 17.89 -9.38
C GLY B 23 11.11 17.52 -8.88
N SER B 24 10.54 16.45 -9.42
CA SER B 24 9.26 15.85 -8.97
C SER B 24 9.57 14.50 -8.31
N THR B 25 9.18 14.32 -7.06
CA THR B 25 9.53 13.14 -6.20
C THR B 25 8.27 12.31 -5.92
N GLN B 26 8.36 10.99 -6.12
CA GLN B 26 7.28 10.05 -5.74
C GLN B 26 7.41 9.75 -4.23
N VAL B 27 6.44 10.19 -3.44
CA VAL B 27 6.46 10.00 -1.96
C VAL B 27 5.63 8.75 -1.63
N GLY B 28 4.80 8.28 -2.56
CA GLY B 28 4.06 7.03 -2.32
C GLY B 28 3.13 6.66 -3.43
N VAL B 29 2.16 5.81 -3.13
CA VAL B 29 1.24 5.13 -4.10
C VAL B 29 -0.15 5.05 -3.46
N GLY B 30 -1.20 4.86 -4.28
CA GLY B 30 -2.55 4.65 -3.77
C GLY B 30 -3.46 3.97 -4.75
N VAL B 31 -4.65 3.63 -4.28
CA VAL B 31 -5.68 2.82 -4.99
C VAL B 31 -6.89 3.71 -5.11
N MET B 32 -7.48 3.75 -6.30
CA MET B 32 -8.77 4.41 -6.56
C MET B 32 -9.79 3.29 -6.79
N GLN B 33 -10.86 3.28 -6.03
CA GLN B 33 -11.95 2.28 -6.12
C GLN B 33 -13.22 2.98 -5.67
N GLU B 34 -14.29 2.84 -6.43
CA GLU B 34 -15.63 3.37 -6.10
C GLU B 34 -15.52 4.87 -5.77
N GLY B 35 -14.80 5.63 -6.59
CA GLY B 35 -14.57 7.07 -6.39
C GLY B 35 -13.85 7.46 -5.09
N VAL B 36 -13.19 6.55 -4.38
CA VAL B 36 -12.39 6.90 -3.17
C VAL B 36 -10.93 6.57 -3.45
N PHE B 37 -10.03 7.43 -3.00
CA PHE B 37 -8.58 7.24 -3.08
C PHE B 37 -8.01 6.77 -1.73
N HIS B 38 -7.28 5.65 -1.74
CA HIS B 38 -6.82 4.94 -0.51
C HIS B 38 -5.29 4.97 -0.47
N THR B 39 -4.71 5.53 0.57
CA THR B 39 -3.23 5.44 0.73
C THR B 39 -2.90 5.25 2.21
N MET B 40 -1.62 5.37 2.54
CA MET B 40 -1.11 5.28 3.93
C MET B 40 -0.89 6.70 4.46
N TRP B 41 -1.20 6.91 5.74
N TRP B 41 -1.18 6.91 5.74
N TRP B 41 -1.20 6.91 5.74
N TRP B 41 -1.18 6.91 5.74
CA TRP B 41 -1.12 8.21 6.44
CA TRP B 41 -1.13 8.24 6.40
CA TRP B 41 -1.12 8.21 6.44
CA TRP B 41 -1.13 8.24 6.40
C TRP B 41 0.28 8.82 6.30
C TRP B 41 0.28 8.83 6.33
C TRP B 41 0.28 8.82 6.30
C TRP B 41 0.28 8.83 6.33
N HIS B 42 1.33 8.03 6.54
CA HIS B 42 2.74 8.54 6.50
C HIS B 42 3.09 9.06 5.08
N VAL B 43 2.33 8.71 4.04
CA VAL B 43 2.57 9.24 2.67
C VAL B 43 2.14 10.71 2.57
N THR B 44 0.89 11.06 2.88
CA THR B 44 0.33 12.42 2.61
C THR B 44 0.29 13.29 3.87
N LYS B 45 0.43 12.67 5.04
CA LYS B 45 0.14 13.25 6.38
C LYS B 45 -1.26 13.90 6.44
N GLY B 46 -2.23 13.45 5.66
CA GLY B 46 -3.60 13.95 5.71
C GLY B 46 -3.77 15.21 4.89
N ALA B 47 -2.75 15.58 4.09
CA ALA B 47 -2.77 16.78 3.19
C ALA B 47 -3.76 16.55 2.03
N ALA B 48 -4.36 17.61 1.53
CA ALA B 48 -5.18 17.56 0.31
C ALA B 48 -4.28 17.14 -0.84
N LEU B 49 -4.86 16.57 -1.89
CA LEU B 49 -4.16 16.14 -3.12
C LEU B 49 -4.82 16.76 -4.36
N ARG B 50 -4.05 16.80 -5.44
CA ARG B 50 -4.51 17.32 -6.74
C ARG B 50 -4.56 16.14 -7.71
N SER B 51 -5.66 16.03 -8.45
CA SER B 51 -5.81 15.15 -9.64
C SER B 51 -6.05 16.01 -10.88
N GLY B 52 -4.99 16.38 -11.59
CA GLY B 52 -5.07 17.36 -12.68
C GLY B 52 -5.41 18.73 -12.10
N GLU B 53 -6.67 19.15 -12.28
N GLU B 53 -6.67 19.15 -12.28
N GLU B 53 -6.66 19.15 -12.31
N GLU B 53 -6.66 19.15 -12.31
CA GLU B 53 -7.21 20.42 -11.71
CA GLU B 53 -7.21 20.42 -11.71
CA GLU B 53 -7.24 20.40 -11.74
CA GLU B 53 -7.24 20.40 -11.74
C GLU B 53 -8.14 20.12 -10.53
C GLU B 53 -8.14 20.12 -10.53
C GLU B 53 -8.08 20.06 -10.51
C GLU B 53 -8.08 20.06 -10.51
N GLY B 54 -8.86 18.99 -10.57
CA GLY B 54 -9.62 18.47 -9.41
C GLY B 54 -8.76 18.38 -8.14
N ARG B 55 -9.41 18.59 -7.00
CA ARG B 55 -8.80 18.58 -5.65
C ARG B 55 -9.41 17.40 -4.90
N LEU B 56 -8.60 16.57 -4.23
CA LEU B 56 -9.12 15.46 -3.37
C LEU B 56 -8.95 15.89 -1.91
N ASP B 57 -10.03 15.83 -1.13
CA ASP B 57 -9.97 16.20 0.31
C ASP B 57 -10.01 14.94 1.18
N PRO B 58 -9.22 14.90 2.28
CA PRO B 58 -9.25 13.75 3.19
C PRO B 58 -10.66 13.62 3.77
N TYR B 59 -11.07 12.37 4.00
CA TYR B 59 -12.43 12.03 4.51
C TYR B 59 -12.30 11.27 5.84
N TRP B 60 -11.39 10.29 5.89
CA TRP B 60 -11.11 9.45 7.07
C TRP B 60 -9.62 9.17 7.13
N GLY B 61 -9.09 8.99 8.34
CA GLY B 61 -7.67 8.72 8.55
C GLY B 61 -7.43 8.35 9.99
N ASP B 62 -6.45 7.49 10.23
CA ASP B 62 -6.02 7.00 11.57
C ASP B 62 -4.50 6.79 11.55
N VAL B 63 -3.73 7.61 12.26
CA VAL B 63 -2.26 7.51 12.35
C VAL B 63 -1.86 6.08 12.82
N LYS B 64 -2.65 5.42 13.67
CA LYS B 64 -2.18 4.13 14.26
C LYS B 64 -2.36 2.98 13.24
N GLN B 65 -3.51 2.90 12.54
CA GLN B 65 -3.69 2.02 11.36
C GLN B 65 -2.74 2.42 10.20
N ASP B 66 -2.23 3.66 10.20
CA ASP B 66 -1.41 4.32 9.14
C ASP B 66 -2.13 4.32 7.79
N LEU B 67 -3.46 4.57 7.79
CA LEU B 67 -4.33 4.66 6.57
C LEU B 67 -5.06 6.00 6.50
N VAL B 68 -5.47 6.37 5.28
CA VAL B 68 -6.25 7.61 5.01
C VAL B 68 -7.06 7.38 3.74
N SER B 69 -8.33 7.80 3.72
CA SER B 69 -9.14 7.78 2.48
C SER B 69 -9.51 9.22 2.06
N TYR B 70 -9.70 9.44 0.76
CA TYR B 70 -10.02 10.75 0.14
C TYR B 70 -11.35 10.61 -0.64
N CYS B 71 -12.27 11.56 -0.43
CA CYS B 71 -13.56 11.78 -1.17
C CYS B 71 -14.65 10.87 -0.60
N GLY B 72 -14.30 9.93 0.28
CA GLY B 72 -15.31 9.03 0.84
C GLY B 72 -14.70 8.05 1.81
N PRO B 73 -15.54 7.22 2.42
CA PRO B 73 -15.10 6.25 3.43
C PRO B 73 -14.28 5.10 2.81
N TRP B 74 -13.42 4.44 3.62
CA TRP B 74 -12.57 3.30 3.20
C TRP B 74 -13.45 2.23 2.57
N LYS B 75 -13.10 1.76 1.37
CA LYS B 75 -13.94 0.89 0.51
C LYS B 75 -13.42 -0.55 0.43
N LEU B 76 -12.14 -0.78 0.72
CA LEU B 76 -11.47 -2.07 0.46
C LEU B 76 -11.67 -2.97 1.69
N ASP B 77 -12.32 -4.11 1.54
CA ASP B 77 -12.65 -4.99 2.69
C ASP B 77 -12.21 -6.44 2.43
N ALA B 78 -11.54 -6.76 1.34
CA ALA B 78 -11.04 -8.15 1.16
C ALA B 78 -9.87 -8.38 2.12
N ALA B 79 -9.67 -9.66 2.49
CA ALA B 79 -8.70 -10.14 3.49
C ALA B 79 -7.87 -11.33 2.98
N TRP B 80 -6.58 -11.38 3.26
CA TRP B 80 -5.71 -12.58 3.05
C TRP B 80 -6.41 -13.79 3.70
N ASP B 81 -6.45 -14.94 3.00
CA ASP B 81 -7.27 -16.10 3.45
C ASP B 81 -6.47 -16.90 4.49
N GLY B 82 -5.17 -16.64 4.58
CA GLY B 82 -4.24 -17.25 5.56
C GLY B 82 -3.42 -18.36 4.95
N LEU B 83 -3.60 -18.65 3.65
CA LEU B 83 -3.03 -19.84 2.96
C LEU B 83 -2.30 -19.48 1.66
N SER B 84 -2.93 -18.67 0.80
CA SER B 84 -2.56 -18.52 -0.63
C SER B 84 -1.36 -17.59 -0.83
N GLU B 85 -0.65 -17.76 -1.94
CA GLU B 85 0.26 -16.69 -2.45
C GLU B 85 -0.63 -15.47 -2.77
N VAL B 86 -0.01 -14.30 -2.71
CA VAL B 86 -0.62 -12.97 -3.04
C VAL B 86 0.25 -12.29 -4.10
N GLN B 87 -0.15 -11.12 -4.61
CA GLN B 87 0.76 -10.27 -5.43
C GLN B 87 0.81 -8.83 -4.89
N LEU B 88 2.03 -8.38 -4.65
CA LEU B 88 2.38 -6.95 -4.51
C LEU B 88 2.46 -6.31 -5.90
N LEU B 89 1.54 -5.41 -6.20
CA LEU B 89 1.63 -4.53 -7.39
C LEU B 89 2.55 -3.37 -7.04
N ALA B 90 3.86 -3.62 -7.02
CA ALA B 90 4.88 -2.58 -6.72
C ALA B 90 4.83 -1.47 -7.78
N VAL B 91 4.76 -0.22 -7.33
CA VAL B 91 4.97 0.97 -8.21
C VAL B 91 6.13 1.75 -7.65
N PRO B 92 7.39 1.40 -8.02
CA PRO B 92 8.55 2.05 -7.44
C PRO B 92 8.76 3.40 -8.11
N PRO B 93 9.46 4.34 -7.45
CA PRO B 93 9.78 5.63 -8.08
C PRO B 93 10.46 5.43 -9.45
N GLY B 94 10.02 6.20 -10.45
CA GLY B 94 10.65 6.30 -11.77
C GLY B 94 10.58 5.02 -12.57
N GLU B 95 9.89 3.97 -12.10
CA GLU B 95 9.90 2.63 -12.74
C GLU B 95 8.45 2.16 -12.93
N ARG B 96 8.22 1.28 -13.90
CA ARG B 96 6.87 0.80 -14.29
C ARG B 96 6.33 -0.13 -13.22
N ALA B 97 5.01 -0.20 -13.13
CA ALA B 97 4.25 -1.11 -12.25
C ALA B 97 4.66 -2.54 -12.58
N LYS B 98 4.64 -3.41 -11.58
CA LYS B 98 5.22 -4.76 -11.63
C LYS B 98 4.56 -5.60 -10.54
N ASN B 99 3.94 -6.72 -10.90
CA ASN B 99 3.41 -7.73 -9.94
C ASN B 99 4.58 -8.58 -9.41
N ILE B 100 4.69 -8.77 -8.09
CA ILE B 100 5.59 -9.78 -7.46
C ILE B 100 4.73 -10.75 -6.64
N GLN B 101 4.83 -12.03 -6.96
CA GLN B 101 4.07 -13.11 -6.26
C GLN B 101 4.91 -13.60 -5.06
N THR B 102 4.25 -13.88 -3.94
CA THR B 102 4.89 -14.20 -2.63
C THR B 102 3.86 -14.90 -1.79
N LEU B 103 4.32 -15.73 -0.86
CA LEU B 103 3.49 -16.27 0.24
C LEU B 103 3.83 -15.43 1.47
N PRO B 104 2.83 -14.72 2.01
CA PRO B 104 3.06 -13.81 3.13
C PRO B 104 3.45 -14.65 4.36
N GLY B 105 4.36 -14.09 5.17
CA GLY B 105 4.57 -14.43 6.59
C GLY B 105 3.61 -13.70 7.50
N ILE B 106 3.94 -13.60 8.79
CA ILE B 106 3.00 -13.23 9.89
C ILE B 106 3.64 -12.24 10.86
N PHE B 107 2.92 -11.19 11.19
CA PHE B 107 3.13 -10.34 12.39
C PHE B 107 2.25 -10.89 13.52
N LYS B 108 2.86 -11.44 14.56
CA LYS B 108 2.15 -11.89 15.79
C LYS B 108 2.21 -10.71 16.78
N THR B 109 1.04 -10.24 17.22
CA THR B 109 0.88 -9.10 18.15
C THR B 109 -0.15 -9.52 19.21
N LYS B 110 -0.15 -8.83 20.35
CA LYS B 110 -1.09 -9.06 21.47
C LYS B 110 -2.55 -9.03 20.98
N ASP B 111 -2.83 -8.31 19.89
CA ASP B 111 -4.22 -8.08 19.45
C ASP B 111 -4.56 -9.00 18.30
N GLY B 112 -3.74 -10.01 18.03
CA GLY B 112 -3.98 -10.90 16.88
C GLY B 112 -2.82 -10.90 15.92
N ASP B 113 -2.98 -11.69 14.86
CA ASP B 113 -1.95 -11.95 13.82
C ASP B 113 -2.30 -11.17 12.55
N ILE B 114 -1.29 -10.58 11.88
CA ILE B 114 -1.43 -9.84 10.60
C ILE B 114 -0.56 -10.53 9.55
N GLY B 115 -1.02 -10.58 8.30
CA GLY B 115 -0.19 -10.96 7.14
C GLY B 115 0.95 -10.00 6.97
N ALA B 116 2.08 -10.50 6.49
CA ALA B 116 3.29 -9.69 6.22
C ALA B 116 3.89 -10.20 4.92
N VAL B 117 4.56 -9.31 4.18
N VAL B 117 4.59 -9.30 4.22
N VAL B 117 4.56 -9.31 4.18
N VAL B 117 4.59 -9.30 4.22
CA VAL B 117 5.26 -9.63 2.90
CA VAL B 117 5.26 -9.53 2.92
CA VAL B 117 5.26 -9.63 2.90
CA VAL B 117 5.26 -9.53 2.92
C VAL B 117 6.72 -9.19 3.02
C VAL B 117 6.74 -9.17 3.06
C VAL B 117 6.72 -9.19 3.02
C VAL B 117 6.74 -9.17 3.06
N ALA B 118 7.65 -10.11 2.75
CA ALA B 118 9.11 -9.87 2.83
C ALA B 118 9.61 -9.48 1.45
N LEU B 119 9.44 -8.19 1.11
CA LEU B 119 9.86 -7.58 -0.17
C LEU B 119 10.36 -6.18 0.16
N ASP B 120 11.63 -5.92 -0.10
CA ASP B 120 12.28 -4.62 0.16
C ASP B 120 12.11 -3.77 -1.10
N TYR B 121 11.34 -2.67 -1.03
CA TYR B 121 11.32 -1.63 -2.09
C TYR B 121 11.53 -0.26 -1.47
N PRO B 122 11.85 0.77 -2.29
CA PRO B 122 12.05 2.12 -1.77
C PRO B 122 10.80 2.63 -1.03
N ALA B 123 11.02 3.51 -0.06
CA ALA B 123 9.95 4.08 0.80
C ALA B 123 8.85 4.70 -0.08
N GLY B 124 9.22 5.27 -1.22
CA GLY B 124 8.28 5.90 -2.17
C GLY B 124 7.33 4.90 -2.81
N THR B 125 7.50 3.60 -2.51
CA THR B 125 6.61 2.50 -2.96
C THR B 125 5.46 2.32 -1.95
N SER B 126 5.55 2.96 -0.77
CA SER B 126 4.50 2.98 0.29
C SER B 126 3.12 3.29 -0.34
N GLY B 127 2.12 2.43 -0.15
CA GLY B 127 0.75 2.57 -0.67
C GLY B 127 0.45 1.61 -1.79
N SER B 128 1.48 1.00 -2.38
CA SER B 128 1.27 -0.04 -3.42
C SER B 128 0.35 -1.13 -2.87
N PRO B 129 -0.68 -1.53 -3.62
CA PRO B 129 -1.61 -2.56 -3.16
C PRO B 129 -1.12 -4.00 -3.27
N ILE B 130 -1.58 -4.82 -2.33
CA ILE B 130 -1.37 -6.29 -2.30
C ILE B 130 -2.67 -6.94 -2.75
N LEU B 131 -2.62 -7.90 -3.68
CA LEU B 131 -3.84 -8.58 -4.24
C LEU B 131 -3.92 -10.06 -3.92
N ASP B 132 -5.15 -10.57 -3.89
CA ASP B 132 -5.48 -12.02 -3.98
C ASP B 132 -5.66 -12.41 -5.46
N LYS B 133 -5.97 -13.67 -5.75
CA LYS B 133 -5.93 -14.24 -7.13
C LYS B 133 -7.16 -13.78 -7.91
N CYS B 134 -8.18 -13.28 -7.21
CA CYS B 134 -9.40 -12.69 -7.79
C CYS B 134 -9.16 -11.20 -8.11
N GLY B 135 -7.95 -10.68 -7.91
CA GLY B 135 -7.61 -9.26 -8.11
C GLY B 135 -8.15 -8.28 -7.07
N ARG B 136 -8.78 -8.74 -5.98
CA ARG B 136 -9.28 -7.83 -4.91
C ARG B 136 -8.11 -7.39 -4.04
N VAL B 137 -8.13 -6.14 -3.56
CA VAL B 137 -7.01 -5.58 -2.74
C VAL B 137 -7.23 -6.06 -1.30
N ILE B 138 -6.23 -6.70 -0.72
CA ILE B 138 -6.29 -7.25 0.66
C ILE B 138 -5.49 -6.34 1.59
N GLY B 139 -4.90 -5.28 1.03
CA GLY B 139 -4.31 -4.20 1.84
C GLY B 139 -3.17 -3.52 1.14
N LEU B 140 -2.48 -2.66 1.85
CA LEU B 140 -1.46 -1.75 1.30
C LEU B 140 -0.12 -2.07 1.93
N TYR B 141 0.89 -1.96 1.08
CA TYR B 141 2.30 -2.19 1.38
C TYR B 141 2.87 -0.90 1.94
N GLY B 142 3.68 -0.94 2.99
CA GLY B 142 4.61 0.18 3.33
C GLY B 142 4.62 0.63 4.78
N ASN B 143 4.05 -0.13 5.72
CA ASN B 143 4.31 0.09 7.16
C ASN B 143 4.80 -1.24 7.74
N GLY B 144 6.05 -1.28 8.17
CA GLY B 144 6.72 -2.53 8.52
C GLY B 144 7.92 -2.28 9.42
N VAL B 145 8.86 -3.24 9.41
CA VAL B 145 9.98 -3.35 10.38
C VAL B 145 11.24 -3.87 9.67
N VAL B 146 12.43 -3.48 10.16
CA VAL B 146 13.76 -3.96 9.66
C VAL B 146 14.18 -5.12 10.55
N ILE B 147 14.40 -6.32 10.00
CA ILE B 147 14.67 -7.54 10.81
C ILE B 147 16.18 -7.65 11.05
N LYS B 148 16.60 -8.59 11.90
CA LYS B 148 18.02 -8.77 12.32
C LYS B 148 18.97 -8.47 11.14
N ASN B 149 18.77 -9.10 9.98
CA ASN B 149 19.63 -8.99 8.76
C ASN B 149 19.90 -7.52 8.40
N GLY B 150 18.84 -6.72 8.36
CA GLY B 150 18.85 -5.38 7.73
C GLY B 150 17.81 -5.22 6.62
N SER B 151 17.11 -6.30 6.27
N SER B 151 17.11 -6.30 6.26
N SER B 151 17.11 -6.30 6.27
N SER B 151 17.11 -6.30 6.26
CA SER B 151 16.06 -6.34 5.22
CA SER B 151 16.06 -6.34 5.22
CA SER B 151 16.06 -6.34 5.22
CA SER B 151 16.06 -6.34 5.22
C SER B 151 14.71 -5.88 5.79
C SER B 151 14.72 -5.84 5.80
C SER B 151 14.71 -5.88 5.79
C SER B 151 14.72 -5.84 5.80
N TYR B 152 13.84 -5.33 4.93
CA TYR B 152 12.52 -4.77 5.33
C TYR B 152 11.41 -5.79 5.11
N VAL B 153 10.45 -5.82 6.03
CA VAL B 153 9.20 -6.62 5.91
C VAL B 153 8.00 -5.71 6.25
N SER B 154 6.98 -5.69 5.38
CA SER B 154 5.77 -4.85 5.48
C SER B 154 4.61 -5.68 5.99
N ALA B 155 3.81 -5.09 6.86
CA ALA B 155 2.42 -5.52 7.10
C ALA B 155 1.67 -5.51 5.79
N ILE B 156 0.73 -6.43 5.69
CA ILE B 156 -0.50 -6.25 4.87
C ILE B 156 -1.49 -5.39 5.67
N THR B 157 -1.54 -4.06 5.45
CA THR B 157 -2.41 -3.12 6.21
C THR B 157 -3.76 -3.01 5.48
N GLN B 158 -4.85 -3.49 6.08
CA GLN B 158 -6.24 -3.37 5.54
C GLN B 158 -7.09 -2.53 6.51
N GLY B 159 -7.98 -1.69 5.97
CA GLY B 159 -8.92 -0.88 6.79
C GLY B 159 -10.23 -1.63 6.94
N LYS B 160 -11.16 -1.06 7.69
CA LYS B 160 -12.57 -1.52 7.85
C LYS B 160 -13.45 -0.79 6.82
N ARG B 161 -14.33 -1.51 6.12
CA ARG B 161 -15.44 -0.88 5.34
C ARG B 161 -16.68 -0.77 6.23
N GLU B 162 -17.36 0.38 6.26
CA GLU B 162 -18.58 0.64 7.07
C GLU B 162 -19.82 0.43 6.20
S DMS C . 10.40 1.52 3.23
S DMS C . 10.40 1.52 3.23
O DMS C . 11.14 0.68 4.23
O DMS C . 11.14 0.68 4.23
C1 DMS C . 9.09 2.30 4.13
C1 DMS C . 9.09 2.30 4.13
C2 DMS C . 9.41 0.40 2.28
C2 DMS C . 9.41 0.40 2.28
S DMS D . -1.76 18.94 6.88
O DMS D . -2.84 17.88 6.98
C1 DMS D . -1.78 19.56 5.21
C2 DMS D . -0.22 18.06 6.79
S DMS E . 8.15 2.69 7.30
S DMS E . 8.15 2.69 7.30
O DMS E . 7.73 1.42 7.99
O DMS E . 7.73 1.42 7.99
C1 DMS E . 7.04 3.96 7.88
C1 DMS E . 7.04 3.96 7.88
C2 DMS E . 9.62 3.24 8.15
C2 DMS E . 9.62 3.24 8.15
N1 A1BXM F . 11.31 2.04 5.92
N1 A1BXM F . 11.31 2.04 5.92
N3 A1BXM F . 5.69 4.01 10.35
N3 A1BXM F . 5.69 4.01 10.35
C4 A1BXM F . 12.19 0.58 3.66
C4 A1BXM F . 12.19 0.58 3.66
C5 A1BXM F . 10.83 1.03 3.75
C5 A1BXM F . 10.83 1.03 3.75
C6 A1BXM F . 9.87 0.78 2.74
C6 A1BXM F . 9.87 0.78 2.74
C7 A1BXM F . 8.58 1.22 2.87
C7 A1BXM F . 8.58 1.22 2.87
C8 A1BXM F . 8.19 1.95 4.01
C8 A1BXM F . 8.19 1.95 4.01
C10 A1BXM F . 10.44 1.76 4.91
C10 A1BXM F . 10.44 1.76 4.91
C13 A1BXM F . 7.67 2.79 9.60
C13 A1BXM F . 7.67 2.79 9.60
C15 A1BXM F . 5.61 4.79 9.11
C15 A1BXM F . 5.61 4.79 9.11
C17 A1BXM F . 12.61 -0.19 2.44
C17 A1BXM F . 12.61 -0.19 2.44
C1 A1BXM F . 13.48 1.94 6.96
C1 A1BXM F . 13.48 1.94 6.96
C2 A1BXM F . 12.56 1.61 5.83
C2 A1BXM F . 12.56 1.61 5.83
C3 A1BXM F . 13.03 0.88 4.70
C3 A1BXM F . 13.03 0.88 4.70
C9 A1BXM F . 9.09 2.22 5.01
C9 A1BXM F . 9.09 2.22 5.01
N2 A1BXM F . 8.76 2.93 6.16
N2 A1BXM F . 8.76 2.93 6.16
C11 A1BXM F . 7.96 2.44 7.13
C11 A1BXM F . 7.96 2.44 7.13
O1 A1BXM F . 7.54 1.28 7.13
O1 A1BXM F . 7.54 1.28 7.13
C12 A1BXM F . 7.56 3.45 8.21
C12 A1BXM F . 7.56 3.45 8.21
C14 A1BXM F . 7.08 3.68 10.69
C14 A1BXM F . 7.08 3.68 10.69
C16 A1BXM F . 6.14 3.97 7.95
C16 A1BXM F . 6.14 3.97 7.95
O2 A1BXM F . 13.95 -0.66 2.48
O2 A1BXM F . 13.95 -0.66 2.48
S DMS G . 13.33 -7.69 -3.74
S DMS G . 13.33 -7.69 -3.74
O DMS G . 12.82 -7.58 -2.32
O DMS G . 12.82 -7.58 -2.32
C1 DMS G . 13.62 -6.03 -4.32
C1 DMS G . 13.62 -6.03 -4.32
C2 DMS G . 11.92 -8.08 -4.76
C2 DMS G . 11.92 -8.08 -4.76
#